data_9PSK
#
_entry.id   9PSK
#
_cell.length_a   31.700
_cell.length_b   59.460
_cell.length_c   60.270
_cell.angle_alpha   90.000
_cell.angle_beta   91.737
_cell.angle_gamma   90.000
#
_symmetry.space_group_name_H-M   'P 1 21 1'
#
loop_
_entity.id
_entity.type
_entity.pdbx_description
1 polymer 'Bone marrow proteoglycan'
2 non-polymer 'CHLORIDE ION'
3 water water
#
_entity_poly.entity_id   1
_entity_poly.type   'polypeptide(L)'
_entity_poly.pdbx_seq_one_letter_code
;TCRYLLVRSLQTFSQAWFTCRRCYRGNLVSIHNFNINYRIQCSVSALNQGQVWIGGRITGSGRCRRFQWVDGSRWNFAYW
AAHQPWSRGGHCVALCTRGGHWRRAHCLRRLPFICSY
;
_entity_poly.pdbx_strand_id   A,B
#
loop_
_chem_comp.id
_chem_comp.type
_chem_comp.name
_chem_comp.formula
CL non-polymer 'CHLORIDE ION' 'Cl -1'
#
# COMPACT_ATOMS: atom_id res chain seq x y z
N CYS A 2 -5.25 16.38 1.13
CA CYS A 2 -5.23 15.06 0.52
C CYS A 2 -4.37 14.11 1.35
N ARG A 3 -4.73 12.84 1.37
CA ARG A 3 -4.02 11.86 2.17
C ARG A 3 -2.89 11.22 1.37
N TYR A 4 -1.94 10.64 2.09
CA TYR A 4 -0.78 10.02 1.46
C TYR A 4 0.00 9.28 2.52
N LEU A 5 0.74 8.26 2.09
CA LEU A 5 1.52 7.41 2.98
C LEU A 5 2.91 7.22 2.40
N LEU A 6 3.89 7.02 3.29
CA LEU A 6 5.27 6.84 2.90
C LEU A 6 5.64 5.36 2.98
N VAL A 7 5.81 4.74 1.82
CA VAL A 7 6.36 3.39 1.72
C VAL A 7 7.88 3.51 1.68
N ARG A 8 8.57 2.61 2.38
CA ARG A 8 10.01 2.73 2.56
C ARG A 8 10.79 1.67 1.81
N SER A 9 10.12 0.87 0.98
CA SER A 9 10.79 -0.15 0.18
C SER A 9 11.21 0.43 -1.17
N LEU A 10 12.39 0.06 -1.62
CA LEU A 10 12.92 0.59 -2.87
C LEU A 10 12.40 -0.22 -4.05
N GLN A 11 11.71 0.47 -4.97
CA GLN A 11 11.17 -0.15 -6.16
C GLN A 11 11.29 0.82 -7.32
N THR A 12 11.34 0.28 -8.54
CA THR A 12 11.35 1.11 -9.73
C THR A 12 10.02 1.86 -9.86
N PHE A 13 10.03 2.93 -10.65
CA PHE A 13 8.81 3.71 -10.84
C PHE A 13 7.68 2.83 -11.34
N SER A 14 7.96 1.99 -12.35
CA SER A 14 6.93 1.12 -12.89
C SER A 14 6.35 0.22 -11.80
N GLN A 15 7.23 -0.41 -11.01
CA GLN A 15 6.75 -1.20 -9.88
C GLN A 15 5.99 -0.33 -8.89
N ALA A 16 6.55 0.82 -8.53
CA ALA A 16 6.04 1.59 -7.40
C ALA A 16 4.63 2.10 -7.65
N TRP A 17 4.33 2.52 -8.89
CA TRP A 17 2.99 3.02 -9.18
C TRP A 17 1.94 1.96 -8.89
N PHE A 18 2.13 0.76 -9.44
CA PHE A 18 1.09 -0.27 -9.34
C PHE A 18 1.02 -0.92 -7.96
N THR A 19 2.08 -0.83 -7.15
CA THR A 19 1.95 -1.24 -5.76
C THR A 19 0.94 -0.36 -5.02
N CYS A 20 0.94 0.93 -5.32
CA CYS A 20 -0.11 1.80 -4.80
C CYS A 20 -1.49 1.30 -5.25
N ARG A 21 -1.65 1.06 -6.56
CA ARG A 21 -2.93 0.61 -7.09
C ARG A 21 -3.29 -0.79 -6.64
N ARG A 22 -2.31 -1.57 -6.19
CA ARG A 22 -2.52 -2.97 -5.85
C ARG A 22 -2.72 -3.17 -4.35
N CYS A 23 -1.75 -2.77 -3.54
CA CYS A 23 -1.82 -3.02 -2.10
C CYS A 23 -2.76 -2.04 -1.40
N TYR A 24 -2.73 -0.77 -1.78
CA TYR A 24 -3.51 0.27 -1.13
C TYR A 24 -4.58 0.86 -2.03
N ARG A 25 -4.67 0.42 -3.28
CA ARG A 25 -5.68 0.88 -4.24
C ARG A 25 -5.74 2.40 -4.27
N GLY A 26 -4.69 2.98 -4.85
CA GLY A 26 -4.63 4.41 -5.09
C GLY A 26 -3.70 4.74 -6.24
N ASN A 27 -3.26 5.99 -6.34
CA ASN A 27 -2.28 6.40 -7.33
C ASN A 27 -1.10 7.06 -6.64
N LEU A 28 -0.06 7.35 -7.42
CA LEU A 28 1.02 8.18 -6.92
C LEU A 28 0.47 9.56 -6.55
N VAL A 29 1.18 10.26 -5.66
CA VAL A 29 0.66 11.49 -5.09
C VAL A 29 0.66 12.58 -6.15
N SER A 30 -0.42 13.37 -6.16
CA SER A 30 -0.57 14.53 -7.03
C SER A 30 -0.61 15.78 -6.17
N ILE A 31 0.37 16.66 -6.35
CA ILE A 31 0.54 17.84 -5.51
C ILE A 31 0.03 19.05 -6.29
N HIS A 32 -0.92 19.78 -5.71
CA HIS A 32 -1.56 20.90 -6.37
C HIS A 32 -1.36 22.24 -5.68
N ASN A 33 -0.73 22.28 -4.51
CA ASN A 33 -0.43 23.53 -3.84
C ASN A 33 0.87 23.36 -3.06
N PHE A 34 1.33 24.45 -2.45
CA PHE A 34 2.59 24.42 -1.73
C PHE A 34 2.48 23.66 -0.41
N ASN A 35 1.31 23.72 0.23
CA ASN A 35 1.13 23.09 1.54
C ASN A 35 1.33 21.58 1.45
N ILE A 36 0.54 20.91 0.61
CA ILE A 36 0.66 19.47 0.48
C ILE A 36 2.10 19.07 0.20
N ASN A 37 2.85 19.93 -0.48
CA ASN A 37 4.27 19.65 -0.71
C ASN A 37 5.06 19.71 0.59
N TYR A 38 4.74 20.67 1.45
CA TYR A 38 5.47 20.80 2.70
C TYR A 38 5.18 19.62 3.64
N ARG A 39 3.90 19.28 3.80
CA ARG A 39 3.55 18.13 4.64
C ARG A 39 4.35 16.89 4.23
N ILE A 40 4.46 16.66 2.92
CA ILE A 40 5.18 15.48 2.45
C ILE A 40 6.65 15.57 2.81
N GLN A 41 7.19 16.78 2.95
CA GLN A 41 8.60 16.93 3.29
C GLN A 41 8.87 16.51 4.73
N CYS A 42 7.94 16.81 5.64
CA CYS A 42 8.12 16.39 7.03
C CYS A 42 8.08 14.87 7.14
N SER A 43 7.08 14.25 6.52
CA SER A 43 6.95 12.79 6.61
C SER A 43 8.21 12.08 6.13
N VAL A 44 8.94 12.68 5.20
CA VAL A 44 10.11 12.04 4.62
C VAL A 44 11.42 12.57 5.17
N SER A 45 11.38 13.58 6.05
CA SER A 45 12.60 14.16 6.57
C SER A 45 13.43 13.14 7.34
N ALA A 46 12.83 12.04 7.77
CA ALA A 46 13.53 11.02 8.54
C ALA A 46 14.19 9.96 7.69
N LEU A 47 13.92 9.92 6.39
CA LEU A 47 14.49 8.90 5.52
C LEU A 47 15.94 9.23 5.20
N ASN A 48 16.82 8.24 5.31
CA ASN A 48 18.18 8.40 4.85
C ASN A 48 18.26 8.54 3.33
N GLN A 49 17.23 8.06 2.62
CA GLN A 49 17.23 8.17 1.16
C GLN A 49 17.22 9.62 0.73
N GLY A 50 17.90 9.88 -0.40
CA GLY A 50 17.97 11.23 -0.91
C GLY A 50 16.76 11.67 -1.72
N GLN A 51 15.94 10.72 -2.16
CA GLN A 51 14.82 11.05 -3.02
C GLN A 51 13.71 10.02 -2.82
N VAL A 52 12.53 10.37 -3.34
CA VAL A 52 11.37 9.47 -3.33
C VAL A 52 10.56 9.77 -4.59
N TRP A 53 9.87 8.76 -5.09
CA TRP A 53 9.08 8.91 -6.31
C TRP A 53 7.78 9.65 -6.03
N ILE A 54 7.36 10.47 -6.99
CA ILE A 54 6.04 11.07 -7.02
C ILE A 54 5.43 10.77 -8.39
N GLY A 55 4.20 11.22 -8.59
CA GLY A 55 3.46 10.87 -9.79
C GLY A 55 3.78 11.68 -11.02
N GLY A 56 5.06 12.04 -11.20
CA GLY A 56 5.47 12.88 -12.30
C GLY A 56 6.06 12.08 -13.43
N ARG A 57 5.45 12.18 -14.61
CA ARG A 57 5.88 11.44 -15.79
C ARG A 57 6.09 12.43 -16.93
N ILE A 58 7.29 12.46 -17.49
CA ILE A 58 7.62 13.33 -18.61
C ILE A 58 7.10 12.67 -19.89
N THR A 59 6.02 13.23 -20.45
CA THR A 59 5.46 12.70 -21.68
C THR A 59 6.07 13.40 -22.89
N GLY A 60 5.32 13.48 -23.98
CA GLY A 60 5.78 14.23 -25.14
C GLY A 60 6.66 13.41 -26.06
N SER A 61 6.67 13.81 -27.33
CA SER A 61 7.47 13.14 -28.35
C SER A 61 8.85 13.81 -28.44
N GLY A 62 9.50 13.68 -29.61
CA GLY A 62 10.82 14.28 -29.78
C GLY A 62 10.73 15.79 -29.85
N ARG A 63 11.53 16.47 -29.04
CA ARG A 63 11.52 17.92 -28.90
C ARG A 63 10.20 18.45 -28.37
N CYS A 64 9.35 17.58 -27.82
CA CYS A 64 8.04 17.95 -27.29
C CYS A 64 7.93 17.59 -25.82
N ARG A 65 9.04 17.69 -25.09
CA ARG A 65 9.06 17.32 -23.67
C ARG A 65 7.91 17.98 -22.93
N ARG A 66 7.13 17.17 -22.23
CA ARG A 66 5.95 17.64 -21.53
C ARG A 66 5.86 16.92 -20.18
N PHE A 67 5.14 17.55 -19.25
CA PHE A 67 4.93 17.00 -17.91
C PHE A 67 3.47 16.62 -17.74
N GLN A 68 3.22 15.59 -16.93
CA GLN A 68 1.85 15.19 -16.62
C GLN A 68 1.85 14.26 -15.43
N TRP A 69 0.80 14.37 -14.61
CA TRP A 69 0.59 13.46 -13.49
C TRP A 69 0.09 12.11 -13.99
N VAL A 70 0.37 11.06 -13.22
CA VAL A 70 -0.07 9.73 -13.60
C VAL A 70 -1.55 9.53 -13.27
N ASP A 71 -2.06 10.19 -12.24
CA ASP A 71 -3.46 10.03 -11.86
C ASP A 71 -4.39 10.90 -12.69
N GLY A 72 -3.88 11.64 -13.67
CA GLY A 72 -4.68 12.37 -14.61
C GLY A 72 -4.97 13.82 -14.25
N SER A 73 -4.90 14.16 -12.96
CA SER A 73 -5.22 15.52 -12.52
C SER A 73 -4.45 16.56 -13.32
N ARG A 74 -4.83 17.83 -13.18
CA ARG A 74 -4.23 18.89 -13.96
C ARG A 74 -2.89 19.32 -13.36
N TRP A 75 -2.02 19.85 -14.22
CA TRP A 75 -0.66 20.25 -13.84
C TRP A 75 -0.68 21.76 -13.58
N ASN A 76 -0.98 22.14 -12.34
CA ASN A 76 -1.23 23.53 -11.98
C ASN A 76 -0.32 24.02 -10.85
N PHE A 77 0.84 23.41 -10.67
CA PHE A 77 1.77 23.82 -9.63
C PHE A 77 3.06 23.01 -9.78
N ALA A 78 4.16 23.60 -9.33
CA ALA A 78 5.45 22.94 -9.39
C ALA A 78 6.37 23.55 -8.35
N TYR A 79 7.43 22.82 -8.03
CA TYR A 79 8.42 23.23 -7.04
C TYR A 79 9.77 22.68 -7.44
N TRP A 80 10.23 23.03 -8.64
CA TRP A 80 11.47 22.48 -9.16
C TRP A 80 12.66 23.05 -8.38
N ALA A 81 13.81 22.37 -8.54
CA ALA A 81 15.03 22.75 -7.85
C ALA A 81 15.83 23.75 -8.69
N ALA A 82 16.92 24.24 -8.10
CA ALA A 82 17.89 25.02 -8.86
C ALA A 82 18.60 24.11 -9.86
N HIS A 83 18.67 24.55 -11.12
CA HIS A 83 19.25 23.76 -12.19
C HIS A 83 18.36 22.56 -12.54
N GLN A 84 17.08 22.84 -12.79
CA GLN A 84 16.11 21.84 -13.19
C GLN A 84 15.02 22.54 -13.99
N PRO A 85 14.22 21.79 -14.77
CA PRO A 85 14.32 20.37 -15.09
C PRO A 85 14.71 20.12 -16.54
N TRP A 86 15.84 20.62 -17.01
CA TRP A 86 16.24 20.47 -18.40
C TRP A 86 17.71 20.08 -18.48
N SER A 87 18.06 19.42 -19.60
CA SER A 87 19.41 19.00 -19.89
C SER A 87 19.93 17.94 -18.92
N ARG A 88 19.03 17.17 -18.31
CA ARG A 88 19.45 16.16 -17.34
C ARG A 88 18.27 15.29 -16.96
N GLY A 89 18.56 14.02 -16.65
CA GLY A 89 17.59 13.13 -16.07
C GLY A 89 16.76 12.37 -17.10
N GLY A 90 15.94 11.47 -16.57
CA GLY A 90 15.01 10.70 -17.36
C GLY A 90 13.59 11.23 -17.25
N HIS A 91 12.64 10.35 -17.54
CA HIS A 91 11.23 10.75 -17.68
C HIS A 91 10.37 10.37 -16.49
N CYS A 92 10.89 10.52 -15.27
CA CYS A 92 10.09 10.30 -14.07
C CYS A 92 10.60 11.22 -12.97
N VAL A 93 9.69 11.97 -12.37
CA VAL A 93 10.03 13.03 -11.42
C VAL A 93 10.18 12.45 -10.02
N ALA A 94 11.12 12.99 -9.25
CA ALA A 94 11.42 12.53 -7.91
C ALA A 94 11.63 13.73 -7.00
N LEU A 95 11.07 13.65 -5.80
CA LEU A 95 11.15 14.73 -4.83
C LEU A 95 12.39 14.55 -3.95
N CYS A 96 13.23 15.58 -3.90
CA CYS A 96 14.44 15.55 -3.09
C CYS A 96 14.08 15.75 -1.62
N THR A 97 14.55 14.84 -0.76
CA THR A 97 14.10 14.83 0.63
C THR A 97 14.50 16.09 1.38
N ARG A 98 15.59 16.73 0.98
CA ARG A 98 16.09 17.92 1.65
C ARG A 98 15.54 19.16 0.94
N GLY A 99 14.77 19.97 1.68
CA GLY A 99 14.17 21.15 1.13
C GLY A 99 12.82 20.92 0.48
N GLY A 100 12.62 19.74 -0.12
CA GLY A 100 11.38 19.45 -0.81
C GLY A 100 11.37 19.84 -2.27
N HIS A 101 12.52 19.80 -2.94
CA HIS A 101 12.63 20.22 -4.33
C HIS A 101 12.55 19.01 -5.25
N TRP A 102 11.79 19.16 -6.34
CA TRP A 102 11.63 18.11 -7.32
C TRP A 102 12.88 18.03 -8.21
N ARG A 103 13.00 16.91 -8.93
CA ARG A 103 14.17 16.67 -9.77
C ARG A 103 13.97 15.45 -10.65
N ARG A 104 13.94 15.67 -11.98
CA ARG A 104 13.71 14.58 -12.91
C ARG A 104 14.69 13.43 -12.69
N ALA A 105 14.22 12.22 -12.98
CA ALA A 105 15.04 11.02 -12.85
C ALA A 105 14.50 9.95 -13.80
N HIS A 106 15.35 8.97 -14.11
CA HIS A 106 14.94 7.86 -14.96
C HIS A 106 14.07 6.89 -14.18
N CYS A 107 13.02 6.42 -14.84
CA CYS A 107 11.97 5.69 -14.13
C CYS A 107 12.50 4.41 -13.49
N LEU A 108 13.41 3.72 -14.15
CA LEU A 108 13.86 2.41 -13.66
C LEU A 108 14.74 2.51 -12.42
N ARG A 109 15.02 3.71 -11.91
CA ARG A 109 15.75 3.83 -10.65
C ARG A 109 14.89 3.32 -9.50
N ARG A 110 15.54 2.74 -8.50
CA ARG A 110 14.87 2.11 -7.37
C ARG A 110 14.99 3.01 -6.14
N LEU A 111 13.88 3.63 -5.75
CA LEU A 111 13.80 4.56 -4.65
C LEU A 111 12.47 4.35 -3.94
N PRO A 112 12.37 4.74 -2.66
CA PRO A 112 11.05 4.75 -2.01
C PRO A 112 10.11 5.71 -2.71
N PHE A 113 8.85 5.68 -2.30
CA PHE A 113 7.81 6.42 -3.01
C PHE A 113 6.72 6.85 -2.04
N ILE A 114 5.81 7.67 -2.57
CA ILE A 114 4.71 8.26 -1.80
C ILE A 114 3.42 7.88 -2.53
N CYS A 115 2.67 6.95 -1.97
CA CYS A 115 1.36 6.65 -2.50
C CYS A 115 0.34 7.65 -1.95
N SER A 116 -0.72 7.88 -2.72
CA SER A 116 -1.85 8.67 -2.28
C SER A 116 -3.09 7.78 -2.27
N TYR A 117 -3.93 7.97 -1.27
CA TYR A 117 -5.13 7.15 -1.12
C TYR A 117 -6.33 8.04 -0.81
N CYS B 2 4.16 -21.64 3.59
CA CYS B 2 3.33 -21.07 4.66
C CYS B 2 2.28 -22.06 5.13
N ARG B 3 2.52 -22.68 6.28
CA ARG B 3 1.57 -23.61 6.86
C ARG B 3 0.54 -22.85 7.69
N TYR B 4 -0.73 -23.23 7.55
CA TYR B 4 -1.81 -22.57 8.25
C TYR B 4 -2.86 -23.60 8.63
N LEU B 5 -3.70 -23.21 9.59
CA LEU B 5 -4.73 -24.09 10.12
C LEU B 5 -5.97 -23.27 10.45
N LEU B 6 -7.10 -23.63 9.85
CA LEU B 6 -8.34 -22.90 10.07
C LEU B 6 -8.95 -23.28 11.41
N VAL B 7 -9.35 -22.27 12.17
CA VAL B 7 -10.09 -22.44 13.42
C VAL B 7 -11.49 -21.90 13.19
N ARG B 8 -12.49 -22.59 13.74
CA ARG B 8 -13.88 -22.32 13.42
C ARG B 8 -14.65 -21.65 14.54
N SER B 9 -14.00 -21.34 15.66
CA SER B 9 -14.70 -20.71 16.78
C SER B 9 -14.76 -19.21 16.57
N LEU B 10 -15.96 -18.65 16.60
CA LEU B 10 -16.14 -17.22 16.42
C LEU B 10 -15.52 -16.46 17.60
N GLN B 11 -14.51 -15.65 17.31
CA GLN B 11 -13.83 -14.87 18.32
C GLN B 11 -13.47 -13.51 17.74
N THR B 12 -13.44 -12.51 18.61
CA THR B 12 -13.02 -11.19 18.18
C THR B 12 -11.57 -11.23 17.69
N PHE B 13 -11.18 -10.20 16.93
CA PHE B 13 -9.82 -10.15 16.40
C PHE B 13 -8.80 -10.30 17.52
N SER B 14 -8.99 -9.55 18.62
CA SER B 14 -8.07 -9.65 19.75
C SER B 14 -7.99 -11.07 20.25
N GLN B 15 -9.14 -11.65 20.63
CA GLN B 15 -9.17 -13.05 21.04
C GLN B 15 -8.46 -13.94 20.02
N ALA B 16 -8.82 -13.78 18.74
CA ALA B 16 -8.25 -14.64 17.71
C ALA B 16 -6.75 -14.45 17.57
N TRP B 17 -6.27 -13.20 17.70
CA TRP B 17 -4.85 -12.94 17.56
C TRP B 17 -4.04 -13.79 18.53
N PHE B 18 -4.36 -13.71 19.82
CA PHE B 18 -3.55 -14.35 20.84
C PHE B 18 -3.85 -15.84 20.99
N THR B 19 -5.03 -16.30 20.59
CA THR B 19 -5.32 -17.73 20.68
C THR B 19 -4.32 -18.53 19.84
N CYS B 20 -4.00 -18.04 18.63
CA CYS B 20 -2.99 -18.71 17.82
C CYS B 20 -1.69 -18.88 18.60
N ARG B 21 -1.21 -17.79 19.22
CA ARG B 21 0.03 -17.85 19.97
C ARG B 21 -0.08 -18.77 21.18
N ARG B 22 -1.28 -18.92 21.73
CA ARG B 22 -1.47 -19.72 22.94
C ARG B 22 -1.45 -21.21 22.62
N CYS B 23 -2.38 -21.66 21.76
CA CYS B 23 -2.53 -23.10 21.54
C CYS B 23 -1.39 -23.65 20.69
N TYR B 24 -1.09 -23.00 19.57
CA TYR B 24 -0.17 -23.55 18.58
C TYR B 24 1.15 -22.80 18.50
N ARG B 25 1.32 -21.74 19.30
CA ARG B 25 2.57 -20.97 19.32
C ARG B 25 2.86 -20.36 17.95
N GLY B 26 1.84 -19.74 17.36
CA GLY B 26 1.98 -19.05 16.10
C GLY B 26 1.19 -17.76 16.11
N ASN B 27 1.07 -17.11 14.95
CA ASN B 27 0.34 -15.86 14.83
C ASN B 27 -0.77 -16.02 13.79
N LEU B 28 -1.58 -14.97 13.65
CA LEU B 28 -2.55 -14.95 12.56
C LEU B 28 -1.81 -14.97 11.23
N VAL B 29 -2.51 -15.46 10.20
CA VAL B 29 -1.85 -15.73 8.93
C VAL B 29 -1.51 -14.42 8.24
N SER B 30 -0.30 -14.36 7.68
CA SER B 30 0.16 -13.23 6.89
C SER B 30 0.28 -13.70 5.44
N ILE B 31 -0.45 -13.04 4.54
CA ILE B 31 -0.54 -13.46 3.15
C ILE B 31 0.36 -12.55 2.32
N HIS B 32 1.26 -13.16 1.54
CA HIS B 32 2.26 -12.42 0.78
C HIS B 32 2.10 -12.51 -0.73
N ASN B 33 1.53 -13.60 -1.26
CA ASN B 33 1.38 -13.74 -2.71
C ASN B 33 0.02 -14.36 -3.02
N PHE B 34 -0.30 -14.37 -4.31
CA PHE B 34 -1.64 -14.77 -4.75
C PHE B 34 -1.87 -16.26 -4.51
N ASN B 35 -0.85 -17.09 -4.72
CA ASN B 35 -1.01 -18.52 -4.51
C ASN B 35 -1.49 -18.81 -3.10
N ILE B 36 -0.78 -18.30 -2.10
CA ILE B 36 -1.17 -18.53 -0.71
C ILE B 36 -2.62 -18.10 -0.49
N ASN B 37 -2.99 -16.94 -1.02
CA ASN B 37 -4.36 -16.45 -0.83
C ASN B 37 -5.38 -17.39 -1.44
N TYR B 38 -4.98 -18.18 -2.44
CA TYR B 38 -5.92 -19.10 -3.07
C TYR B 38 -6.03 -20.40 -2.27
N ARG B 39 -4.90 -20.96 -1.86
CA ARG B 39 -4.92 -22.14 -1.01
C ARG B 39 -5.77 -21.88 0.22
N ILE B 40 -5.74 -20.65 0.74
CA ILE B 40 -6.58 -20.27 1.86
C ILE B 40 -8.03 -20.04 1.44
N GLN B 41 -8.27 -19.77 0.16
CA GLN B 41 -9.65 -19.63 -0.30
C GLN B 41 -10.34 -20.98 -0.38
N CYS B 42 -9.64 -22.00 -0.88
CA CYS B 42 -10.23 -23.32 -0.98
C CYS B 42 -10.53 -23.90 0.40
N SER B 43 -9.58 -23.78 1.32
CA SER B 43 -9.75 -24.35 2.65
C SER B 43 -10.93 -23.74 3.40
N VAL B 44 -11.39 -22.56 2.99
CA VAL B 44 -12.51 -21.90 3.64
C VAL B 44 -13.72 -21.79 2.71
N SER B 45 -13.79 -22.66 1.70
CA SER B 45 -14.96 -22.73 0.83
C SER B 45 -16.09 -23.55 1.45
N ALA B 46 -15.86 -24.20 2.58
CA ALA B 46 -16.86 -25.02 3.24
C ALA B 46 -17.49 -24.34 4.45
N LEU B 47 -17.09 -23.10 4.75
CA LEU B 47 -17.63 -22.38 5.90
C LEU B 47 -18.87 -21.60 5.48
N ASN B 48 -19.98 -21.88 6.15
CA ASN B 48 -21.20 -21.11 5.91
C ASN B 48 -21.01 -19.65 6.26
N GLN B 49 -20.04 -19.33 7.11
CA GLN B 49 -19.73 -17.94 7.42
C GLN B 49 -19.36 -17.18 6.15
N GLY B 50 -19.36 -15.86 6.26
CA GLY B 50 -19.04 -15.02 5.13
C GLY B 50 -17.61 -14.53 5.11
N GLN B 51 -16.90 -14.63 6.24
CA GLN B 51 -15.58 -14.05 6.35
C GLN B 51 -14.74 -14.83 7.35
N VAL B 52 -13.43 -14.56 7.34
CA VAL B 52 -12.49 -15.09 8.32
C VAL B 52 -11.43 -14.03 8.56
N TRP B 53 -10.85 -14.04 9.75
CA TRP B 53 -9.83 -13.05 10.10
C TRP B 53 -8.49 -13.41 9.48
N ILE B 54 -7.73 -12.37 9.13
CA ILE B 54 -6.35 -12.49 8.72
C ILE B 54 -5.55 -11.48 9.53
N GLY B 55 -4.30 -11.83 9.83
CA GLY B 55 -3.49 -11.06 10.75
C GLY B 55 -3.12 -9.67 10.28
N GLY B 56 -4.08 -8.94 9.73
CA GLY B 56 -3.83 -7.61 9.19
C GLY B 56 -4.66 -6.58 9.92
N ARG B 57 -4.07 -5.41 10.13
CA ARG B 57 -4.73 -4.37 10.90
C ARG B 57 -4.09 -3.04 10.56
N ILE B 58 -4.86 -1.97 10.72
CA ILE B 58 -4.39 -0.62 10.40
C ILE B 58 -3.40 -0.15 11.45
N ARG B 65 -2.56 7.07 8.25
CA ARG B 65 -2.81 5.70 8.67
C ARG B 65 -1.93 4.73 7.91
N ARG B 66 -1.93 3.45 8.32
CA ARG B 66 -1.14 2.44 7.63
C ARG B 66 -1.69 1.06 7.96
N PHE B 67 -1.55 0.14 7.00
CA PHE B 67 -1.91 -1.26 7.18
C PHE B 67 -0.67 -2.04 7.64
N GLN B 68 -0.85 -2.88 8.66
CA GLN B 68 0.26 -3.66 9.17
C GLN B 68 -0.21 -5.05 9.58
N TRP B 69 0.63 -6.04 9.30
CA TRP B 69 0.41 -7.40 9.78
C TRP B 69 0.86 -7.51 11.23
N VAL B 70 0.06 -8.17 12.05
CA VAL B 70 0.35 -8.23 13.49
C VAL B 70 1.67 -8.95 13.74
N ASP B 71 2.07 -9.84 12.85
CA ASP B 71 3.30 -10.61 13.04
C ASP B 71 4.55 -9.87 12.58
N GLY B 72 4.40 -8.66 12.04
CA GLY B 72 5.54 -7.85 11.64
C GLY B 72 5.99 -8.04 10.21
N SER B 73 5.43 -9.00 9.48
CA SER B 73 5.84 -9.24 8.10
C SER B 73 5.60 -8.01 7.23
N ARG B 74 5.96 -8.10 5.96
CA ARG B 74 5.79 -7.00 5.02
C ARG B 74 4.40 -7.03 4.39
N TRP B 75 3.89 -5.85 4.07
CA TRP B 75 2.61 -5.71 3.38
C TRP B 75 2.91 -5.41 1.91
N ASN B 76 3.15 -6.48 1.15
CA ASN B 76 3.50 -6.36 -0.26
C ASN B 76 2.43 -6.93 -1.19
N PHE B 77 1.27 -7.33 -0.64
CA PHE B 77 0.20 -7.90 -1.44
C PHE B 77 -1.13 -7.53 -0.82
N ALA B 78 -2.16 -7.42 -1.67
CA ALA B 78 -3.51 -7.17 -1.20
C ALA B 78 -4.49 -7.55 -2.28
N TYR B 79 -5.55 -8.25 -1.89
CA TYR B 79 -6.61 -8.69 -2.79
C TYR B 79 -7.92 -8.08 -2.33
N TRP B 80 -8.02 -6.75 -2.39
CA TRP B 80 -9.19 -6.06 -1.90
C TRP B 80 -10.40 -6.34 -2.80
N ALA B 81 -11.58 -6.27 -2.21
CA ALA B 81 -12.82 -6.46 -2.95
C ALA B 81 -13.21 -5.19 -3.67
N ALA B 82 -14.17 -5.31 -4.59
CA ALA B 82 -14.75 -4.14 -5.21
C ALA B 82 -15.39 -3.25 -4.16
N HIS B 83 -15.29 -1.94 -4.34
CA HIS B 83 -15.83 -0.97 -3.40
C HIS B 83 -15.11 -1.04 -2.05
N GLN B 84 -13.87 -1.47 -2.04
CA GLN B 84 -13.01 -1.51 -0.84
C GLN B 84 -11.73 -0.75 -1.13
N PRO B 85 -10.94 -0.46 -0.09
CA PRO B 85 -11.23 -0.56 1.34
C PRO B 85 -11.41 0.83 1.97
N TRP B 86 -12.42 1.58 1.56
CA TRP B 86 -12.58 2.95 2.01
C TRP B 86 -14.07 3.24 2.26
N SER B 87 -14.32 4.37 2.92
CA SER B 87 -15.67 4.85 3.19
C SER B 87 -16.48 3.89 4.04
N ARG B 88 -15.82 2.93 4.70
CA ARG B 88 -16.52 1.91 5.46
C ARG B 88 -15.54 0.97 6.15
N GLY B 89 -15.96 0.37 7.25
CA GLY B 89 -15.20 -0.66 7.91
C GLY B 89 -14.42 -0.14 9.09
N GLY B 90 -14.10 -1.06 10.00
CA GLY B 90 -13.27 -0.76 11.15
C GLY B 90 -11.80 -0.77 10.78
N HIS B 91 -10.97 -1.21 11.73
CA HIS B 91 -9.53 -1.22 11.55
C HIS B 91 -8.96 -2.62 11.38
N CYS B 92 -9.81 -3.63 11.31
CA CYS B 92 -9.38 -5.02 11.15
C CYS B 92 -9.82 -5.54 9.79
N VAL B 93 -8.95 -6.32 9.15
CA VAL B 93 -9.20 -6.84 7.81
C VAL B 93 -9.69 -8.28 7.91
N ALA B 94 -10.69 -8.61 7.10
CA ALA B 94 -11.30 -9.94 7.08
C ALA B 94 -11.39 -10.41 5.64
N LEU B 95 -11.05 -11.68 5.43
CA LEU B 95 -11.07 -12.27 4.09
C LEU B 95 -12.43 -12.86 3.82
N CYS B 96 -13.06 -12.44 2.73
CA CYS B 96 -14.39 -12.92 2.38
C CYS B 96 -14.30 -14.34 1.82
N THR B 97 -15.20 -15.21 2.29
CA THR B 97 -15.12 -16.63 1.91
C THR B 97 -15.35 -16.83 0.42
N ARG B 98 -16.23 -16.05 -0.19
CA ARG B 98 -16.54 -16.16 -1.60
C ARG B 98 -15.58 -15.28 -2.40
N GLY B 99 -14.73 -15.92 -3.21
CA GLY B 99 -13.84 -15.22 -4.10
C GLY B 99 -12.46 -14.94 -3.55
N GLY B 100 -12.34 -14.84 -2.22
CA GLY B 100 -11.05 -14.51 -1.64
C GLY B 100 -10.71 -13.05 -1.65
N HIS B 101 -11.70 -12.18 -1.83
CA HIS B 101 -11.46 -10.75 -1.79
C HIS B 101 -11.50 -10.25 -0.36
N TRP B 102 -10.57 -9.36 -0.02
CA TRP B 102 -10.48 -8.85 1.33
C TRP B 102 -11.55 -7.79 1.57
N ARG B 103 -11.70 -7.39 2.83
CA ARG B 103 -12.75 -6.46 3.20
C ARG B 103 -12.61 -5.98 4.63
N ARG B 104 -12.68 -4.67 4.83
CA ARG B 104 -12.58 -4.11 6.17
C ARG B 104 -13.77 -4.52 7.03
N ALA B 105 -13.54 -4.57 8.34
CA ALA B 105 -14.60 -4.88 9.28
C ALA B 105 -14.20 -4.38 10.66
N HIS B 106 -15.19 -4.26 11.54
CA HIS B 106 -14.94 -3.81 12.90
C HIS B 106 -14.42 -4.97 13.75
N CYS B 107 -13.33 -4.72 14.47
CA CYS B 107 -12.58 -5.79 15.10
C CYS B 107 -13.45 -6.61 16.06
N LEU B 108 -14.41 -5.98 16.73
CA LEU B 108 -15.20 -6.69 17.73
C LEU B 108 -16.14 -7.72 17.11
N ARG B 109 -16.14 -7.88 15.80
CA ARG B 109 -16.99 -8.87 15.16
C ARG B 109 -16.40 -10.26 15.36
N ARG B 110 -17.23 -11.21 15.80
CA ARG B 110 -16.78 -12.56 16.11
C ARG B 110 -16.95 -13.44 14.88
N LEU B 111 -15.84 -13.71 14.20
CA LEU B 111 -15.79 -14.52 13.00
C LEU B 111 -14.70 -15.59 13.15
N PRO B 112 -14.78 -16.67 12.37
CA PRO B 112 -13.68 -17.64 12.35
C PRO B 112 -12.39 -16.97 11.89
N PHE B 113 -11.30 -17.72 11.96
CA PHE B 113 -10.00 -17.14 11.67
C PHE B 113 -9.02 -18.22 11.24
N ILE B 114 -7.86 -17.77 10.77
CA ILE B 114 -6.84 -18.63 10.17
C ILE B 114 -5.55 -18.38 10.91
N CYS B 115 -5.11 -19.37 11.68
CA CYS B 115 -3.82 -19.27 12.36
C CYS B 115 -2.72 -19.85 11.47
N SER B 116 -1.50 -19.34 11.66
CA SER B 116 -0.33 -19.81 10.94
C SER B 116 0.68 -20.32 11.94
N TYR B 117 1.27 -21.48 11.63
CA TYR B 117 2.18 -22.16 12.55
C TYR B 117 3.45 -22.59 11.82
CL CL C . -13.64 -0.29 14.53
#